data_8DVM
#
_entry.id   8DVM
#
_cell.length_a   66.462
_cell.length_b   102.978
_cell.length_c   108.775
_cell.angle_alpha   90.000
_cell.angle_beta   90.000
_cell.angle_gamma   90.000
#
_symmetry.space_group_name_H-M   'P 21 21 21'
#
loop_
_entity.id
_entity.type
_entity.pdbx_description
1 polymer 'Low-density lipoprotein receptor-related protein 6'
2 polymer 'E3.6 Disulfide constrained peptide'
3 branched alpha-L-fucopyranose-(1-3)-[alpha-L-fucopyranose-(1-6)]2-acetamido-2-deoxy-beta-D-glucopyranose-(1-4)-2-acetamido-2-deoxy-beta-D-glucopyranose-(1-4)-[alpha-L-fucopyranose-(1-3)][alpha-L-fucopyranose-(1-6)]2-acetamido-2-deoxy-beta-D-glucopyranose
4 branched 2-acetamido-2-deoxy-beta-D-glucopyranose-(1-4)-2-acetamido-2-deoxy-beta-D-glucopyranose
5 branched beta-D-mannopyranose-(1-4)-2-acetamido-2-deoxy-beta-D-glucopyranose-(1-4)-2-acetamido-2-deoxy-beta-D-glucopyranose
6 non-polymer 2-acetamido-2-deoxy-beta-D-glucopyranose
7 non-polymer 'CALCIUM ION'
8 non-polymer 1,2-ETHANEDIOL
9 non-polymer '2-(N-MORPHOLINO)-ETHANESULFONIC ACID'
10 water water
#
loop_
_entity_poly.entity_id
_entity_poly.type
_entity_poly.pdbx_seq_one_letter_code
_entity_poly.pdbx_strand_id
1 'polypeptide(L)'
;SEAFLLFSRRADIRRISLETNNNNVAIPLTGVKEASALDFDVTDNRIYWTDISLKTISRAFMNGSALEHVVEFGLDYPEG
MAVDWLGKNLYWADTGTNRIEVSKLDGQHRQVLVWKDLDSPRALALDPAEGFMYWTEWGGKPKIDRAAMDGSERTTLVPN
VGRANGLTIDYAKRRLYWTDLDTNLIESSNMLGLNREVIADDLPHPFGLTQYQDYIYWTDWSRRSIERANKTSGQNRTII
QGHLDYVMDILVFHSSRQSGWNECASSNGHCSHLCLAVPVGGFVCGCPAHYSLNADNRTCSAPTTFLLFSQKSAINRMVI
DEQQSPDIILPIHSLRNVRAIDYDPLDKQLYWIDSRQNMIRKAQEDGSQGFTVVVSSVPSQNLEIQPYDLSIDIYSRYIY
WT(OCS)EATNVINVTRLDGRSVGVVLKGEQDRPRAIVVNPEKGYMYFTNLQERSPKIERAALDGTEREVLFFSGLSKPI
ALALDSRLGKLFWADSDLRRIESSDLSGANRIVLEDSNILQPVGLTVFENWLYWIDKQQQMIEKIDMTGREGRTKVQARI
AQLSDIHAVKELNLQEYRQHPCAQDNGGCSHICLVKGDGTTRCSCPMHLVLLQDELSCGEPPTCSPQQGNSHHHHHH
;
A
2 'polypeptide(L)' GCRWFMKWFSCKQDSDCLAGCVCNPPHWCG B
#
# COMPACT_ATOMS: atom_id res chain seq x y z
N SER A 1 -29.55 -24.48 -3.70
CA SER A 1 -28.25 -24.74 -4.31
C SER A 1 -27.82 -26.19 -4.11
N GLU A 2 -26.80 -26.61 -4.86
CA GLU A 2 -26.09 -27.83 -4.52
C GLU A 2 -25.07 -27.49 -3.46
N ALA A 3 -25.15 -28.15 -2.31
CA ALA A 3 -24.15 -27.92 -1.27
C ALA A 3 -22.83 -28.54 -1.69
N PHE A 4 -21.76 -27.75 -1.68
CA PHE A 4 -20.45 -28.20 -2.13
C PHE A 4 -19.49 -28.03 -0.97
N LEU A 5 -18.48 -28.89 -0.88
CA LEU A 5 -17.36 -28.63 0.03
C LEU A 5 -16.13 -28.35 -0.80
N LEU A 6 -15.51 -27.19 -0.54
CA LEU A 6 -14.30 -26.77 -1.22
C LEU A 6 -13.15 -26.82 -0.23
N PHE A 7 -11.98 -27.23 -0.71
CA PHE A 7 -10.82 -27.25 0.17
C PHE A 7 -9.56 -26.84 -0.60
N SER A 8 -8.64 -26.23 0.14
CA SER A 8 -7.36 -25.83 -0.42
C SER A 8 -6.26 -26.80 0.03
N ARG A 9 -5.35 -27.09 -0.87
CA ARG A 9 -4.25 -27.99 -0.60
C ARG A 9 -3.21 -27.75 -1.66
N ARG A 10 -1.99 -27.44 -1.25
CA ARG A 10 -0.92 -27.13 -2.19
C ARG A 10 -1.31 -25.96 -3.08
N ALA A 11 -1.28 -26.17 -4.39
CA ALA A 11 -1.66 -25.09 -5.30
C ALA A 11 -3.01 -25.32 -5.93
N ASP A 12 -3.83 -26.21 -5.37
CA ASP A 12 -5.13 -26.58 -5.91
C ASP A 12 -6.24 -26.18 -4.96
N ILE A 13 -7.38 -25.82 -5.54
CA ILE A 13 -8.63 -25.73 -4.82
C ILE A 13 -9.56 -26.77 -5.42
N ARG A 14 -10.09 -27.63 -4.57
CA ARG A 14 -10.89 -28.74 -5.05
C ARG A 14 -12.25 -28.70 -4.39
N ARG A 15 -13.18 -29.37 -5.08
CA ARG A 15 -14.54 -29.43 -4.61
C ARG A 15 -15.12 -30.82 -4.50
N ILE A 16 -15.82 -31.06 -3.43
CA ILE A 16 -16.50 -32.32 -3.17
C ILE A 16 -17.98 -32.05 -3.00
N SER A 17 -18.81 -32.79 -3.72
CA SER A 17 -20.24 -32.58 -3.60
C SER A 17 -20.71 -33.22 -2.31
N LEU A 18 -21.54 -32.50 -1.57
CA LEU A 18 -22.07 -33.04 -0.32
C LEU A 18 -23.34 -33.86 -0.52
N GLU A 19 -24.00 -33.77 -1.68
CA GLU A 19 -25.14 -34.63 -1.94
C GLU A 19 -24.73 -35.96 -2.54
N THR A 20 -23.65 -36.01 -3.31
CA THR A 20 -23.09 -37.27 -3.79
C THR A 20 -22.04 -37.85 -2.85
N ASN A 21 -21.42 -37.00 -2.00
CA ASN A 21 -20.53 -37.31 -0.88
C ASN A 21 -19.12 -37.76 -1.28
N ASN A 22 -18.86 -37.97 -2.57
CA ASN A 22 -17.54 -38.42 -2.99
C ASN A 22 -17.04 -37.82 -4.31
N ASN A 23 -17.84 -37.02 -5.02
CA ASN A 23 -17.45 -36.53 -6.34
C ASN A 23 -16.50 -35.35 -6.16
N ASN A 24 -15.22 -35.56 -6.51
CA ASN A 24 -14.14 -34.61 -6.26
C ASN A 24 -13.59 -34.11 -7.60
N VAL A 25 -13.38 -32.80 -7.71
CA VAL A 25 -12.90 -32.19 -8.93
C VAL A 25 -12.17 -30.86 -8.61
N ALA A 26 -11.07 -30.57 -9.30
CA ALA A 26 -10.31 -29.35 -9.06
C ALA A 26 -10.96 -28.16 -9.75
N ILE A 27 -10.88 -27.01 -9.11
CA ILE A 27 -11.29 -25.78 -9.76
C ILE A 27 -10.23 -25.46 -10.82
N PRO A 28 -10.61 -25.31 -12.09
CA PRO A 28 -9.60 -25.10 -13.14
C PRO A 28 -8.93 -23.73 -13.10
N LEU A 29 -8.05 -23.50 -12.14
CA LEU A 29 -7.32 -22.24 -12.01
C LEU A 29 -5.91 -22.40 -12.55
N THR A 30 -5.32 -21.27 -12.92
CA THR A 30 -3.91 -21.22 -13.28
C THR A 30 -3.18 -20.25 -12.37
N GLY A 31 -1.88 -20.48 -12.19
CA GLY A 31 -1.05 -19.51 -11.49
C GLY A 31 -1.14 -19.52 -9.98
N VAL A 32 -1.93 -20.42 -9.39
CA VAL A 32 -1.96 -20.55 -7.93
C VAL A 32 -0.68 -21.22 -7.46
N LYS A 33 -0.12 -20.76 -6.34
CA LYS A 33 1.08 -21.40 -5.83
C LYS A 33 0.88 -22.05 -4.47
N GLU A 34 0.23 -21.34 -3.53
CA GLU A 34 -0.03 -21.85 -2.18
C GLU A 34 -1.42 -21.40 -1.72
N ALA A 35 -2.45 -22.18 -2.07
CA ALA A 35 -3.81 -21.81 -1.77
C ALA A 35 -4.05 -21.88 -0.28
N SER A 36 -4.61 -20.81 0.31
CA SER A 36 -4.82 -20.88 1.75
C SER A 36 -6.27 -20.71 2.20
N ALA A 37 -6.73 -19.46 2.39
CA ALA A 37 -8.03 -19.23 3.00
C ALA A 37 -9.07 -19.13 1.90
N LEU A 38 -10.30 -19.54 2.20
CA LEU A 38 -11.32 -19.66 1.17
C LEU A 38 -12.63 -19.00 1.62
N ASP A 39 -13.35 -18.42 0.66
CA ASP A 39 -14.73 -18.05 0.90
C ASP A 39 -15.43 -17.91 -0.46
N PHE A 40 -16.69 -17.51 -0.43
CA PHE A 40 -17.47 -17.36 -1.64
C PHE A 40 -18.44 -16.20 -1.45
N ASP A 41 -19.06 -15.78 -2.55
CA ASP A 41 -20.10 -14.75 -2.55
C ASP A 41 -21.37 -15.37 -3.11
N VAL A 42 -22.41 -15.41 -2.28
CA VAL A 42 -23.64 -16.13 -2.62
C VAL A 42 -24.32 -15.50 -3.82
N THR A 43 -24.19 -14.18 -3.98
CA THR A 43 -24.96 -13.50 -5.02
C THR A 43 -24.48 -13.84 -6.43
N ASP A 44 -23.18 -14.05 -6.65
CA ASP A 44 -22.73 -14.46 -7.98
C ASP A 44 -21.96 -15.78 -8.01
N ASN A 45 -21.83 -16.48 -6.87
CA ASN A 45 -21.15 -17.78 -6.80
C ASN A 45 -19.67 -17.71 -7.15
N ARG A 46 -19.08 -16.53 -7.03
CA ARG A 46 -17.64 -16.38 -7.11
C ARG A 46 -16.99 -17.05 -5.90
N ILE A 47 -15.76 -17.54 -6.07
CA ILE A 47 -14.97 -18.04 -4.96
C ILE A 47 -13.78 -17.11 -4.76
N TYR A 48 -13.34 -17.00 -3.51
CA TYR A 48 -12.25 -16.11 -3.13
C TYR A 48 -11.20 -16.93 -2.38
N TRP A 49 -9.93 -16.59 -2.56
CA TRP A 49 -8.90 -17.33 -1.84
C TRP A 49 -7.65 -16.47 -1.67
N THR A 50 -6.91 -16.75 -0.60
CA THR A 50 -5.60 -16.15 -0.42
C THR A 50 -4.49 -17.13 -0.80
N ASP A 51 -3.31 -16.58 -0.99
CA ASP A 51 -2.14 -17.33 -1.42
C ASP A 51 -0.97 -16.82 -0.60
N ILE A 52 -0.40 -17.69 0.23
CA ILE A 52 0.69 -17.26 1.12
C ILE A 52 2.02 -17.14 0.40
N SER A 53 2.20 -17.81 -0.74
CA SER A 53 3.44 -17.67 -1.48
C SER A 53 3.45 -16.41 -2.34
N LEU A 54 2.33 -16.12 -3.00
CA LEU A 54 2.25 -14.93 -3.84
C LEU A 54 1.87 -13.68 -3.04
N LYS A 55 1.34 -13.84 -1.83
CA LYS A 55 0.90 -12.73 -0.99
C LYS A 55 -0.20 -11.93 -1.68
N THR A 56 -1.26 -12.64 -2.08
CA THR A 56 -2.35 -12.03 -2.82
C THR A 56 -3.67 -12.65 -2.40
N ILE A 57 -4.74 -11.94 -2.73
CA ILE A 57 -6.10 -12.44 -2.63
C ILE A 57 -6.72 -12.36 -4.01
N SER A 58 -7.35 -13.44 -4.45
CA SER A 58 -7.89 -13.54 -5.79
C SER A 58 -9.31 -14.08 -5.74
N ARG A 59 -10.00 -13.97 -6.87
CA ARG A 59 -11.34 -14.50 -7.00
C ARG A 59 -11.53 -15.01 -8.42
N ALA A 60 -12.49 -15.93 -8.57
CA ALA A 60 -12.85 -16.53 -9.85
C ALA A 60 -14.17 -17.26 -9.68
N PHE A 61 -14.75 -17.69 -10.80
CA PHE A 61 -15.91 -18.57 -10.74
C PHE A 61 -15.41 -20.00 -10.67
N MET A 62 -16.31 -20.90 -10.27
CA MET A 62 -15.87 -22.27 -10.07
C MET A 62 -15.48 -22.97 -11.35
N ASN A 63 -15.82 -22.43 -12.52
CA ASN A 63 -15.32 -23.00 -13.77
C ASN A 63 -14.03 -22.33 -14.21
N GLY A 64 -13.43 -21.50 -13.36
CA GLY A 64 -12.17 -20.86 -13.66
C GLY A 64 -12.24 -19.58 -14.47
N SER A 65 -13.43 -19.11 -14.85
CA SER A 65 -13.47 -17.87 -15.62
C SER A 65 -13.41 -16.67 -14.68
N ALA A 66 -13.10 -15.50 -15.27
CA ALA A 66 -13.02 -14.24 -14.53
C ALA A 66 -11.99 -14.32 -13.39
N LEU A 67 -10.87 -14.98 -13.63
CA LEU A 67 -9.78 -14.98 -12.67
C LEU A 67 -9.24 -13.57 -12.48
N GLU A 68 -9.34 -13.03 -11.27
CA GLU A 68 -8.84 -11.70 -10.94
C GLU A 68 -8.14 -11.72 -9.60
N HIS A 69 -7.03 -11.00 -9.50
CA HIS A 69 -6.36 -10.75 -8.22
C HIS A 69 -6.85 -9.42 -7.69
N VAL A 70 -7.56 -9.45 -6.57
CA VAL A 70 -8.19 -8.22 -6.08
C VAL A 70 -7.38 -7.52 -5.00
N VAL A 71 -6.52 -8.23 -4.27
CA VAL A 71 -5.53 -7.61 -3.41
C VAL A 71 -4.16 -8.17 -3.78
N GLU A 72 -3.24 -7.29 -4.19
CA GLU A 72 -1.92 -7.74 -4.65
C GLU A 72 -0.74 -7.08 -3.96
N PHE A 73 -0.94 -6.07 -3.16
CA PHE A 73 0.16 -5.38 -2.49
C PHE A 73 -0.10 -5.30 -1.01
N GLY A 74 0.97 -5.16 -0.25
CA GLY A 74 0.89 -4.90 1.15
C GLY A 74 0.49 -6.05 2.01
N LEU A 75 0.52 -7.28 1.50
CA LEU A 75 0.26 -8.48 2.29
C LEU A 75 1.55 -9.22 2.58
N ASP A 76 1.59 -9.92 3.71
CA ASP A 76 2.71 -10.79 4.03
C ASP A 76 2.26 -12.24 4.23
N TYR A 77 1.40 -12.49 5.21
CA TYR A 77 0.85 -13.82 5.46
C TYR A 77 -0.66 -13.63 5.57
N PRO A 78 -1.36 -13.53 4.43
CA PRO A 78 -2.82 -13.36 4.49
C PRO A 78 -3.54 -14.65 4.83
N GLU A 79 -3.51 -15.03 6.10
CA GLU A 79 -4.01 -16.34 6.52
C GLU A 79 -5.51 -16.38 6.81
N GLY A 80 -6.19 -15.24 6.83
CA GLY A 80 -7.62 -15.20 7.11
C GLY A 80 -8.30 -14.25 6.15
N MET A 81 -9.52 -14.63 5.73
CA MET A 81 -10.13 -13.75 4.75
C MET A 81 -11.60 -14.16 4.76
N ALA A 82 -12.52 -13.20 4.63
CA ALA A 82 -13.94 -13.54 4.56
C ALA A 82 -14.67 -12.56 3.67
N VAL A 83 -15.77 -13.04 3.06
CA VAL A 83 -16.64 -12.21 2.23
C VAL A 83 -17.79 -11.68 3.07
N ASP A 84 -17.99 -10.35 3.06
CA ASP A 84 -19.21 -9.74 3.59
C ASP A 84 -20.18 -9.69 2.43
N TRP A 85 -21.06 -10.70 2.39
CA TRP A 85 -21.99 -10.83 1.28
C TRP A 85 -23.10 -9.78 1.33
N LEU A 86 -23.24 -9.05 2.43
CA LEU A 86 -24.34 -8.10 2.48
C LEU A 86 -23.90 -6.72 1.97
N GLY A 87 -22.77 -6.21 2.47
CA GLY A 87 -22.24 -4.95 1.97
C GLY A 87 -21.36 -5.08 0.76
N LYS A 88 -21.13 -6.31 0.28
CA LYS A 88 -20.21 -6.58 -0.83
C LYS A 88 -18.80 -6.10 -0.50
N ASN A 89 -18.28 -6.58 0.63
CA ASN A 89 -16.96 -6.22 1.09
C ASN A 89 -16.10 -7.45 1.29
N LEU A 90 -14.80 -7.28 1.10
CA LEU A 90 -13.81 -8.31 1.36
C LEU A 90 -13.02 -7.93 2.60
N TYR A 91 -12.94 -8.87 3.54
CA TYR A 91 -12.19 -8.73 4.79
C TYR A 91 -11.04 -9.72 4.82
N TRP A 92 -9.94 -9.33 5.45
CA TRP A 92 -8.84 -10.27 5.62
C TRP A 92 -8.01 -9.87 6.82
N ALA A 93 -7.19 -10.81 7.27
CA ALA A 93 -6.28 -10.66 8.39
C ALA A 93 -4.93 -11.16 7.95
N ASP A 94 -3.86 -10.48 8.38
CA ASP A 94 -2.51 -10.84 7.98
C ASP A 94 -1.63 -11.01 9.22
N THR A 95 -1.05 -12.21 9.36
CA THR A 95 -0.18 -12.50 10.51
C THR A 95 1.20 -11.90 10.35
N GLY A 96 1.55 -11.42 9.16
CA GLY A 96 2.81 -10.75 8.97
C GLY A 96 2.70 -9.27 9.25
N THR A 97 1.79 -8.59 8.58
CA THR A 97 1.60 -7.16 8.80
C THR A 97 0.83 -6.84 10.08
N ASN A 98 0.21 -7.82 10.74
CA ASN A 98 -0.58 -7.58 11.96
C ASN A 98 -1.69 -6.56 11.70
N ARG A 99 -2.48 -6.83 10.66
CA ARG A 99 -3.56 -5.94 10.26
C ARG A 99 -4.80 -6.75 9.94
N ILE A 100 -5.97 -6.15 10.24
CA ILE A 100 -7.24 -6.57 9.68
C ILE A 100 -7.75 -5.44 8.81
N GLU A 101 -8.08 -5.75 7.55
CA GLU A 101 -8.40 -4.76 6.54
C GLU A 101 -9.70 -5.12 5.83
N VAL A 102 -10.24 -4.13 5.11
CA VAL A 102 -11.45 -4.31 4.31
C VAL A 102 -11.30 -3.59 2.98
N SER A 103 -11.94 -4.13 1.95
CA SER A 103 -12.10 -3.43 0.70
C SER A 103 -13.44 -3.85 0.09
N LYS A 104 -13.77 -3.26 -1.04
CA LYS A 104 -14.83 -3.83 -1.85
C LYS A 104 -14.36 -5.19 -2.39
N LEU A 105 -15.33 -5.97 -2.86
CA LEU A 105 -15.03 -7.31 -3.33
C LEU A 105 -14.11 -7.32 -4.56
N ASP A 106 -14.07 -6.22 -5.31
CA ASP A 106 -13.11 -6.10 -6.40
C ASP A 106 -11.80 -5.47 -5.95
N GLY A 107 -11.66 -5.15 -4.66
CA GLY A 107 -10.41 -4.63 -4.12
C GLY A 107 -10.34 -3.13 -3.97
N GLN A 108 -11.34 -2.39 -4.46
CA GLN A 108 -11.32 -0.93 -4.36
C GLN A 108 -11.54 -0.48 -2.92
N HIS A 109 -11.06 0.74 -2.62
CA HIS A 109 -11.34 1.45 -1.37
C HIS A 109 -10.84 0.68 -0.15
N ARG A 110 -9.63 0.15 -0.26
CA ARG A 110 -9.02 -0.57 0.84
C ARG A 110 -8.91 0.31 2.08
N GLN A 111 -9.33 -0.22 3.22
CA GLN A 111 -9.19 0.49 4.48
C GLN A 111 -8.63 -0.47 5.53
N VAL A 112 -7.86 0.08 6.47
CA VAL A 112 -7.33 -0.69 7.59
C VAL A 112 -8.27 -0.53 8.77
N LEU A 113 -8.80 -1.64 9.28
CA LEU A 113 -9.81 -1.57 10.33
C LEU A 113 -9.22 -1.76 11.73
N VAL A 114 -8.25 -2.65 11.87
CA VAL A 114 -7.60 -2.96 13.14
C VAL A 114 -6.10 -3.06 12.90
N TRP A 115 -5.30 -2.29 13.62
CA TRP A 115 -3.86 -2.43 13.53
C TRP A 115 -3.09 -2.20 14.82
N LYS A 116 -3.70 -1.62 15.85
CA LYS A 116 -3.01 -1.32 17.09
C LYS A 116 -3.14 -2.51 18.04
N ASP A 117 -2.04 -2.92 18.65
CA ASP A 117 -2.02 -4.04 19.61
C ASP A 117 -2.66 -5.28 19.03
N LEU A 118 -2.19 -5.67 17.86
CA LEU A 118 -2.73 -6.79 17.11
C LEU A 118 -1.56 -7.73 16.82
N ASP A 119 -1.59 -8.91 17.44
CA ASP A 119 -0.48 -9.85 17.39
C ASP A 119 -0.93 -11.12 16.66
N SER A 120 -0.61 -11.16 15.35
CA SER A 120 -0.88 -12.24 14.42
C SER A 120 -2.36 -12.63 14.37
N PRO A 121 -3.23 -11.75 13.89
CA PRO A 121 -4.63 -12.17 13.64
C PRO A 121 -4.67 -13.22 12.54
N ARG A 122 -5.38 -14.33 12.79
CA ARG A 122 -5.31 -15.45 11.86
C ARG A 122 -6.65 -15.78 11.21
N ALA A 123 -7.61 -16.32 11.95
CA ALA A 123 -8.84 -16.83 11.35
C ALA A 123 -9.94 -15.81 11.56
N LEU A 124 -10.73 -15.56 10.53
CA LEU A 124 -11.70 -14.48 10.51
C LEU A 124 -13.10 -14.99 10.22
N ALA A 125 -14.10 -14.48 10.94
CA ALA A 125 -15.50 -14.82 10.70
C ALA A 125 -16.39 -13.59 10.82
N LEU A 126 -17.31 -13.43 9.86
CA LEU A 126 -18.15 -12.23 9.74
C LEU A 126 -19.60 -12.58 10.01
N ASP A 127 -20.31 -11.65 10.63
CA ASP A 127 -21.75 -11.74 10.86
C ASP A 127 -22.37 -10.39 10.48
N PRO A 128 -22.39 -10.05 9.18
CA PRO A 128 -22.87 -8.71 8.79
C PRO A 128 -24.32 -8.45 9.12
N ALA A 129 -25.16 -9.48 9.29
CA ALA A 129 -26.54 -9.20 9.65
C ALA A 129 -26.65 -8.64 11.06
N GLU A 130 -25.81 -9.11 11.98
CA GLU A 130 -25.71 -8.55 13.33
C GLU A 130 -24.78 -7.34 13.40
N GLY A 131 -23.69 -7.34 12.65
CA GLY A 131 -22.74 -6.25 12.68
C GLY A 131 -21.42 -6.53 13.37
N PHE A 132 -21.15 -7.78 13.74
CA PHE A 132 -19.92 -8.16 14.41
C PHE A 132 -19.04 -9.02 13.50
N MET A 133 -17.74 -8.96 13.74
CA MET A 133 -16.75 -9.88 13.21
C MET A 133 -15.91 -10.43 14.35
N TYR A 134 -15.32 -11.60 14.10
CA TYR A 134 -14.61 -12.39 15.11
C TYR A 134 -13.31 -12.91 14.50
N TRP A 135 -12.24 -12.95 15.30
CA TRP A 135 -10.99 -13.47 14.78
C TRP A 135 -10.18 -14.08 15.91
N THR A 136 -9.24 -14.94 15.53
CA THR A 136 -8.29 -15.52 16.44
C THR A 136 -6.94 -14.84 16.26
N GLU A 137 -6.18 -14.78 17.34
CA GLU A 137 -4.80 -14.29 17.32
C GLU A 137 -3.86 -15.41 17.73
N TRP A 138 -2.71 -15.52 17.04
CA TRP A 138 -1.70 -16.54 17.30
C TRP A 138 -0.44 -15.97 17.91
N GLY A 139 -0.51 -14.78 18.48
CA GLY A 139 0.68 -14.09 18.94
C GLY A 139 0.61 -13.77 20.41
N GLY A 140 1.75 -13.87 21.09
CA GLY A 140 1.84 -13.53 22.49
C GLY A 140 0.91 -14.40 23.28
N LYS A 141 -0.18 -13.82 23.79
CA LYS A 141 -1.21 -14.60 24.44
C LYS A 141 -2.33 -14.82 23.45
N PRO A 142 -2.53 -16.03 22.93
CA PRO A 142 -3.58 -16.23 21.93
C PRO A 142 -4.96 -15.98 22.53
N LYS A 143 -5.89 -15.58 21.66
CA LYS A 143 -7.23 -15.29 22.14
C LYS A 143 -8.13 -15.17 20.93
N ILE A 144 -9.44 -15.13 21.20
CA ILE A 144 -10.44 -14.84 20.19
C ILE A 144 -11.05 -13.49 20.52
N ASP A 145 -11.06 -12.58 19.55
CA ASP A 145 -11.51 -11.22 19.73
C ASP A 145 -12.78 -10.97 18.94
N ARG A 146 -13.50 -9.93 19.34
CA ARG A 146 -14.68 -9.46 18.62
C ARG A 146 -14.58 -7.96 18.39
N ALA A 147 -15.13 -7.50 17.27
CA ALA A 147 -15.27 -6.08 17.00
C ALA A 147 -16.48 -5.88 16.11
N ALA A 148 -16.98 -4.65 16.09
CA ALA A 148 -17.85 -4.23 15.00
C ALA A 148 -17.12 -4.41 13.67
N MET A 149 -17.90 -4.63 12.61
CA MET A 149 -17.25 -4.75 11.31
C MET A 149 -16.81 -3.40 10.67
N ASP A 150 -16.79 -2.30 11.42
CA ASP A 150 -15.97 -1.15 11.06
C ASP A 150 -14.70 -1.06 11.90
N GLY A 151 -14.42 -2.09 12.70
CA GLY A 151 -13.22 -2.13 13.53
C GLY A 151 -13.39 -1.52 14.92
N SER A 152 -14.48 -0.82 15.18
CA SER A 152 -14.70 -0.22 16.48
C SER A 152 -15.18 -1.27 17.52
N GLU A 153 -15.15 -0.88 18.80
CA GLU A 153 -15.62 -1.70 19.94
C GLU A 153 -14.92 -3.07 19.99
N ARG A 154 -13.62 -3.07 19.80
CA ARG A 154 -12.85 -4.30 19.87
C ARG A 154 -12.80 -4.81 21.29
N THR A 155 -13.07 -6.10 21.48
CA THR A 155 -13.04 -6.68 22.81
C THR A 155 -12.56 -8.12 22.71
N THR A 156 -12.03 -8.61 23.81
CA THR A 156 -11.60 -10.00 23.90
C THR A 156 -12.79 -10.86 24.30
N LEU A 157 -13.11 -11.86 23.46
CA LEU A 157 -14.26 -12.72 23.65
C LEU A 157 -13.91 -14.03 24.37
N VAL A 158 -12.83 -14.69 23.98
CA VAL A 158 -12.38 -15.91 24.63
C VAL A 158 -10.91 -15.72 25.00
N PRO A 159 -10.58 -15.48 26.25
CA PRO A 159 -9.19 -15.20 26.62
C PRO A 159 -8.33 -16.44 26.82
N ASN A 160 -8.93 -17.56 27.21
CA ASN A 160 -8.18 -18.74 27.62
C ASN A 160 -8.32 -19.80 26.52
N VAL A 161 -7.47 -19.68 25.50
CA VAL A 161 -7.51 -20.58 24.37
C VAL A 161 -6.10 -20.61 23.79
N GLY A 162 -5.73 -21.73 23.20
CA GLY A 162 -4.49 -21.82 22.48
C GLY A 162 -4.63 -21.14 21.14
N ARG A 163 -3.65 -21.36 20.28
CA ARG A 163 -3.77 -20.91 18.90
C ARG A 163 -4.95 -21.61 18.24
N ALA A 164 -5.94 -20.82 17.81
CA ALA A 164 -7.22 -21.31 17.36
C ALA A 164 -7.43 -21.05 15.88
N ASN A 165 -8.26 -21.88 15.26
CA ASN A 165 -8.39 -21.83 13.82
C ASN A 165 -9.80 -22.23 13.44
N GLY A 166 -10.12 -22.07 12.15
CA GLY A 166 -11.40 -22.55 11.63
C GLY A 166 -12.60 -21.95 12.31
N LEU A 167 -12.46 -20.72 12.82
CA LEU A 167 -13.55 -19.95 13.42
C LEU A 167 -14.75 -19.85 12.48
N THR A 168 -15.90 -20.33 12.95
CA THR A 168 -17.06 -20.56 12.10
C THR A 168 -18.29 -20.21 12.93
N ILE A 169 -19.19 -19.42 12.36
CA ILE A 169 -20.42 -19.03 13.02
C ILE A 169 -21.53 -19.92 12.50
N ASP A 170 -22.27 -20.55 13.40
CA ASP A 170 -23.54 -21.20 13.06
C ASP A 170 -24.62 -20.13 13.14
N TYR A 171 -24.96 -19.50 12.01
CA TYR A 171 -25.81 -18.30 12.08
C TYR A 171 -27.19 -18.64 12.59
N ALA A 172 -27.65 -19.86 12.31
CA ALA A 172 -28.97 -20.30 12.73
C ALA A 172 -29.04 -20.48 14.23
N LYS A 173 -28.04 -21.13 14.80
CA LYS A 173 -28.10 -21.50 16.21
C LYS A 173 -27.33 -20.53 17.09
N ARG A 174 -26.68 -19.53 16.50
CA ARG A 174 -25.89 -18.52 17.23
C ARG A 174 -24.82 -19.19 18.09
N ARG A 175 -24.02 -20.05 17.47
CA ARG A 175 -22.88 -20.67 18.12
C ARG A 175 -21.61 -20.34 17.34
N LEU A 176 -20.49 -20.27 18.04
CA LEU A 176 -19.17 -20.14 17.47
C LEU A 176 -18.49 -21.50 17.57
N TYR A 177 -17.71 -21.86 16.57
CA TYR A 177 -16.92 -23.08 16.59
C TYR A 177 -15.49 -22.77 16.21
N TRP A 178 -14.55 -23.51 16.78
CA TRP A 178 -13.15 -23.40 16.38
C TRP A 178 -12.37 -24.66 16.75
N THR A 179 -11.19 -24.80 16.15
CA THR A 179 -10.24 -25.81 16.55
C THR A 179 -9.12 -25.16 17.35
N ASP A 180 -8.62 -25.87 18.35
CA ASP A 180 -7.49 -25.42 19.14
C ASP A 180 -6.28 -26.26 18.74
N LEU A 181 -5.30 -25.60 18.15
CA LEU A 181 -4.14 -26.32 17.64
C LEU A 181 -3.14 -26.66 18.73
N ASP A 182 -3.28 -26.08 19.91
CA ASP A 182 -2.37 -26.43 20.99
C ASP A 182 -2.91 -27.55 21.86
N THR A 183 -4.24 -27.64 21.99
CA THR A 183 -4.88 -28.73 22.71
C THR A 183 -5.54 -29.76 21.80
N ASN A 184 -5.59 -29.54 20.49
CA ASN A 184 -6.14 -30.52 19.53
C ASN A 184 -7.56 -30.91 19.88
N LEU A 185 -8.39 -29.88 20.07
CA LEU A 185 -9.80 -30.01 20.41
C LEU A 185 -10.63 -29.22 19.40
N ILE A 186 -11.89 -29.64 19.26
CA ILE A 186 -12.90 -28.85 18.56
C ILE A 186 -13.85 -28.35 19.64
N GLU A 187 -13.98 -27.04 19.78
CA GLU A 187 -14.82 -26.43 20.80
C GLU A 187 -15.88 -25.53 20.19
N SER A 188 -16.87 -25.22 21.00
CA SER A 188 -18.00 -24.38 20.63
C SER A 188 -18.35 -23.46 21.80
N SER A 189 -18.84 -22.26 21.48
CA SER A 189 -19.43 -21.39 22.50
C SER A 189 -20.62 -20.65 21.88
N ASN A 190 -21.33 -19.87 22.71
CA ASN A 190 -22.31 -18.94 22.15
C ASN A 190 -21.55 -17.71 21.62
N MET A 191 -22.27 -16.78 20.99
CA MET A 191 -21.64 -15.56 20.46
C MET A 191 -20.91 -14.69 21.49
N LEU A 192 -21.17 -14.88 22.79
CA LEU A 192 -20.45 -14.10 23.80
C LEU A 192 -19.23 -14.82 24.35
N GLY A 193 -18.84 -15.95 23.76
CA GLY A 193 -17.76 -16.74 24.32
C GLY A 193 -18.13 -17.59 25.51
N LEU A 194 -19.40 -17.60 25.90
CA LEU A 194 -19.85 -18.34 27.05
C LEU A 194 -20.51 -19.65 26.62
N ASN A 195 -20.96 -20.43 27.60
CA ASN A 195 -21.55 -21.74 27.34
C ASN A 195 -20.61 -22.58 26.48
N ARG A 196 -19.34 -22.58 26.88
CA ARG A 196 -18.30 -23.26 26.13
C ARG A 196 -18.49 -24.78 26.25
N GLU A 197 -18.21 -25.50 25.16
CA GLU A 197 -18.32 -26.95 25.10
C GLU A 197 -17.21 -27.53 24.24
N VAL A 198 -16.64 -28.65 24.67
CA VAL A 198 -15.74 -29.41 23.83
C VAL A 198 -16.55 -30.35 22.94
N ILE A 199 -16.44 -30.20 21.62
CA ILE A 199 -17.20 -31.08 20.74
C ILE A 199 -16.49 -32.39 20.46
N ALA A 200 -15.17 -32.37 20.38
CA ALA A 200 -14.41 -33.58 20.05
C ALA A 200 -13.04 -33.45 20.70
N ASP A 201 -12.63 -34.44 21.47
CA ASP A 201 -11.35 -34.36 22.16
C ASP A 201 -10.39 -35.45 21.74
N ASP A 202 -10.74 -36.26 20.75
CA ASP A 202 -10.00 -37.48 20.43
C ASP A 202 -9.38 -37.43 19.06
N LEU A 203 -9.34 -36.25 18.44
CA LEU A 203 -8.73 -36.07 17.13
C LEU A 203 -7.26 -35.71 17.28
N PRO A 204 -6.37 -36.40 16.57
CA PRO A 204 -4.94 -36.13 16.73
C PRO A 204 -4.52 -34.77 16.20
N HIS A 205 -5.08 -34.30 15.09
CA HIS A 205 -4.49 -33.10 14.50
C HIS A 205 -5.53 -32.28 13.74
N PRO A 206 -6.58 -31.81 14.42
CA PRO A 206 -7.62 -31.07 13.70
C PRO A 206 -7.13 -29.67 13.38
N PHE A 207 -7.22 -29.31 12.11
CA PHE A 207 -6.70 -28.03 11.65
C PHE A 207 -7.78 -27.11 11.13
N GLY A 208 -8.51 -27.48 10.09
CA GLY A 208 -9.53 -26.62 9.54
C GLY A 208 -10.92 -27.03 10.02
N LEU A 209 -11.87 -26.09 9.97
CA LEU A 209 -13.21 -26.33 10.50
C LEU A 209 -14.25 -25.55 9.70
N THR A 210 -15.42 -26.17 9.54
CA THR A 210 -16.58 -25.50 8.98
C THR A 210 -17.82 -26.25 9.44
N GLN A 211 -18.99 -25.71 9.12
CA GLN A 211 -20.24 -26.20 9.66
C GLN A 211 -21.36 -26.04 8.65
N TYR A 212 -22.24 -27.04 8.58
CA TYR A 212 -23.35 -27.00 7.64
C TYR A 212 -24.46 -27.90 8.19
N GLN A 213 -25.66 -27.33 8.33
CA GLN A 213 -26.83 -28.02 8.90
C GLN A 213 -26.39 -28.65 10.23
N ASP A 214 -26.60 -29.94 10.45
CA ASP A 214 -26.32 -30.55 11.75
C ASP A 214 -24.87 -31.00 11.92
N TYR A 215 -23.97 -30.70 10.98
CA TYR A 215 -22.64 -31.27 10.99
C TYR A 215 -21.56 -30.20 11.11
N ILE A 216 -20.48 -30.56 11.77
CA ILE A 216 -19.22 -29.86 11.64
C ILE A 216 -18.32 -30.70 10.74
N TYR A 217 -17.49 -30.02 9.96
CA TYR A 217 -16.49 -30.67 9.13
C TYR A 217 -15.13 -30.17 9.53
N TRP A 218 -14.13 -31.05 9.52
CA TRP A 218 -12.77 -30.64 9.83
C TRP A 218 -11.79 -31.37 8.94
N THR A 219 -10.56 -30.86 8.92
CA THR A 219 -9.43 -31.58 8.34
C THR A 219 -8.50 -31.99 9.46
N ASP A 220 -7.87 -33.15 9.29
CA ASP A 220 -6.88 -33.63 10.25
C ASP A 220 -5.60 -33.91 9.49
N TRP A 221 -4.49 -33.31 9.93
CA TRP A 221 -3.23 -33.46 9.19
C TRP A 221 -2.53 -34.76 9.49
N SER A 222 -2.86 -35.41 10.61
CA SER A 222 -2.25 -36.68 10.93
C SER A 222 -3.01 -37.84 10.30
N ARG A 223 -4.34 -37.72 10.23
CA ARG A 223 -5.19 -38.69 9.58
C ARG A 223 -5.33 -38.45 8.08
N ARG A 224 -4.83 -37.30 7.59
CA ARG A 224 -4.86 -36.95 6.18
C ARG A 224 -6.27 -37.06 5.63
N SER A 225 -7.19 -36.39 6.32
CA SER A 225 -8.61 -36.61 6.12
C SER A 225 -9.34 -35.28 6.14
N ILE A 226 -10.53 -35.32 5.53
CA ILE A 226 -11.63 -34.39 5.81
C ILE A 226 -12.75 -35.23 6.39
N GLU A 227 -13.25 -34.84 7.55
CA GLU A 227 -14.19 -35.69 8.26
C GLU A 227 -15.36 -34.85 8.74
N ARG A 228 -16.38 -35.54 9.23
CA ARG A 228 -17.64 -34.88 9.53
C ARG A 228 -18.24 -35.53 10.76
N ALA A 229 -18.87 -34.71 11.61
CA ALA A 229 -19.52 -35.24 12.80
C ALA A 229 -20.73 -34.38 13.15
N ASN A 230 -21.62 -34.96 13.93
CA ASN A 230 -22.77 -34.24 14.47
C ASN A 230 -22.29 -33.03 15.29
N LYS A 231 -22.81 -31.84 14.95
CA LYS A 231 -22.27 -30.62 15.54
C LYS A 231 -22.61 -30.48 17.03
N THR A 232 -23.66 -31.14 17.52
CA THR A 232 -23.97 -30.98 18.94
C THR A 232 -23.39 -32.13 19.79
N SER A 233 -23.60 -33.38 19.36
CA SER A 233 -23.11 -34.54 20.10
C SER A 233 -21.68 -34.93 19.74
N GLY A 234 -21.18 -34.56 18.58
CA GLY A 234 -19.86 -35.03 18.18
C GLY A 234 -19.83 -36.43 17.61
N GLN A 235 -20.97 -37.07 17.42
CA GLN A 235 -21.03 -38.45 16.96
C GLN A 235 -21.40 -38.52 15.48
N ASN A 236 -21.77 -39.71 15.00
CA ASN A 236 -22.04 -39.95 13.58
C ASN A 236 -20.84 -39.54 12.74
N ARG A 237 -19.64 -39.83 13.23
CA ARG A 237 -18.42 -39.44 12.53
C ARG A 237 -18.27 -40.21 11.23
N THR A 238 -17.98 -39.51 10.14
CA THR A 238 -17.76 -40.15 8.86
C THR A 238 -16.55 -39.51 8.19
N ILE A 239 -16.00 -40.25 7.24
CA ILE A 239 -14.84 -39.79 6.47
C ILE A 239 -15.37 -39.26 5.15
N ILE A 240 -15.19 -37.96 4.92
CA ILE A 240 -15.59 -37.39 3.64
C ILE A 240 -14.62 -37.82 2.55
N GLN A 241 -13.32 -37.76 2.86
CA GLN A 241 -12.32 -38.26 1.94
C GLN A 241 -11.02 -38.43 2.71
N GLY A 242 -10.28 -39.50 2.41
CA GLY A 242 -8.97 -39.74 2.99
C GLY A 242 -7.84 -39.44 2.01
N HIS A 243 -6.62 -39.76 2.45
CA HIS A 243 -5.42 -39.59 1.65
C HIS A 243 -5.28 -38.15 1.13
N LEU A 244 -5.70 -37.18 1.94
CA LEU A 244 -5.55 -35.76 1.65
C LEU A 244 -4.68 -35.16 2.75
N ASP A 245 -3.41 -35.00 2.44
CA ASP A 245 -2.49 -34.43 3.38
C ASP A 245 -2.44 -32.93 3.35
N TYR A 246 -2.30 -32.32 4.51
CA TYR A 246 -2.15 -30.89 4.60
C TYR A 246 -3.22 -30.02 3.95
N VAL A 247 -4.48 -30.36 4.18
CA VAL A 247 -5.53 -29.48 3.69
C VAL A 247 -5.54 -28.23 4.55
N MET A 248 -5.29 -27.06 3.92
CA MET A 248 -5.15 -25.77 4.59
C MET A 248 -6.47 -25.11 4.98
N ASP A 249 -7.56 -25.41 4.28
CA ASP A 249 -8.84 -24.79 4.60
C ASP A 249 -9.94 -25.60 3.93
N ILE A 250 -11.15 -25.53 4.51
CA ILE A 250 -12.36 -26.13 3.95
C ILE A 250 -13.50 -25.14 4.07
N LEU A 251 -14.42 -25.20 3.12
CA LEU A 251 -15.52 -24.25 3.06
C LEU A 251 -16.76 -24.97 2.52
N VAL A 252 -17.89 -24.81 3.20
CA VAL A 252 -19.16 -25.31 2.69
C VAL A 252 -19.75 -24.23 1.77
N PHE A 253 -19.86 -24.57 0.49
CA PHE A 253 -20.45 -23.69 -0.52
C PHE A 253 -21.94 -23.99 -0.57
N HIS A 254 -22.75 -23.14 0.05
CA HIS A 254 -24.19 -23.28 -0.06
C HIS A 254 -24.85 -21.99 0.41
N SER A 255 -25.93 -21.61 -0.29
CA SER A 255 -26.52 -20.31 -0.07
C SER A 255 -26.98 -20.15 1.36
N SER A 256 -27.38 -21.24 2.02
CA SER A 256 -27.83 -21.18 3.40
C SER A 256 -26.74 -20.69 4.35
N ARG A 257 -25.47 -20.63 3.94
CA ARG A 257 -24.44 -20.10 4.82
C ARG A 257 -24.33 -18.58 4.76
N GLN A 258 -24.97 -17.92 3.78
CA GLN A 258 -24.91 -16.46 3.62
C GLN A 258 -26.33 -15.92 3.43
N SER A 259 -27.02 -15.76 4.52
CA SER A 259 -28.41 -15.32 4.47
C SER A 259 -28.51 -13.98 5.17
N GLY A 260 -29.74 -13.50 5.37
CA GLY A 260 -29.93 -12.28 6.13
C GLY A 260 -29.94 -11.02 5.29
N TRP A 261 -29.88 -9.89 5.98
CA TRP A 261 -30.04 -8.57 5.38
CA TRP A 261 -29.98 -8.58 5.35
C TRP A 261 -29.41 -7.54 6.29
N ASN A 262 -28.97 -6.42 5.71
CA ASN A 262 -28.68 -5.20 6.47
C ASN A 262 -28.88 -4.05 5.49
N GLU A 263 -28.74 -2.82 5.93
CA GLU A 263 -29.01 -1.67 5.06
C GLU A 263 -28.06 -1.57 3.88
N CYS A 264 -26.85 -2.09 4.06
CA CYS A 264 -25.86 -2.07 2.99
C CYS A 264 -26.35 -2.88 1.80
N ALA A 265 -27.11 -3.92 2.05
CA ALA A 265 -27.64 -4.73 0.98
C ALA A 265 -28.57 -3.93 0.09
N SER A 266 -29.20 -2.90 0.63
CA SER A 266 -30.03 -2.02 -0.20
C SER A 266 -29.35 -0.67 -0.50
N SER A 267 -28.81 -0.53 -1.69
CA SER A 267 -28.12 0.69 -2.12
C SER A 267 -26.92 1.11 -1.35
N ASN A 268 -26.26 0.15 -0.72
CA ASN A 268 -25.00 0.43 -0.08
C ASN A 268 -25.07 1.55 0.93
N GLY A 269 -26.21 1.70 1.57
CA GLY A 269 -26.36 2.69 2.62
C GLY A 269 -26.25 4.08 2.12
N HIS A 270 -26.38 4.26 0.82
CA HIS A 270 -26.15 5.57 0.20
C HIS A 270 -24.75 6.06 0.53
N CYS A 271 -23.85 5.12 0.79
CA CYS A 271 -22.47 5.45 1.07
C CYS A 271 -21.70 5.55 -0.24
N SER A 272 -20.87 6.58 -0.36
CA SER A 272 -20.06 6.71 -1.58
C SER A 272 -19.11 5.53 -1.73
N HIS A 273 -18.44 5.12 -0.66
CA HIS A 273 -17.35 4.16 -0.80
C HIS A 273 -17.63 2.84 -0.08
N LEU A 274 -17.64 2.81 1.24
CA LEU A 274 -17.81 1.59 2.00
C LEU A 274 -19.06 1.69 2.85
N CYS A 275 -19.79 0.58 2.93
CA CYS A 275 -20.90 0.44 3.86
C CYS A 275 -20.51 -0.71 4.79
N LEU A 276 -20.24 -0.38 6.04
CA LEU A 276 -19.72 -1.34 7.01
C LEU A 276 -20.78 -1.62 8.06
N ALA A 277 -21.01 -2.91 8.33
CA ALA A 277 -21.97 -3.33 9.33
C ALA A 277 -21.48 -2.97 10.72
N VAL A 278 -22.41 -2.52 11.57
CA VAL A 278 -22.09 -2.16 12.95
C VAL A 278 -23.15 -2.69 13.90
N PRO A 279 -22.78 -3.01 15.14
CA PRO A 279 -23.52 -3.98 15.94
C PRO A 279 -24.99 -3.67 16.11
N VAL A 280 -25.69 -4.79 16.13
CA VAL A 280 -27.12 -5.04 16.13
C VAL A 280 -27.81 -4.29 15.01
N GLY A 281 -27.50 -4.74 13.79
CA GLY A 281 -28.30 -4.48 12.64
C GLY A 281 -28.04 -3.14 11.99
N GLY A 282 -27.04 -2.42 12.46
CA GLY A 282 -26.76 -1.10 11.95
C GLY A 282 -25.74 -1.11 10.83
N PHE A 283 -25.47 0.08 10.34
CA PHE A 283 -24.47 0.29 9.31
C PHE A 283 -23.87 1.68 9.51
N VAL A 284 -22.63 1.82 9.06
CA VAL A 284 -21.92 3.07 9.00
C VAL A 284 -21.23 3.15 7.65
N CYS A 285 -21.17 4.34 7.08
CA CYS A 285 -20.41 4.59 5.86
C CYS A 285 -18.94 4.71 6.23
N GLY A 286 -18.06 4.22 5.35
CA GLY A 286 -16.64 4.26 5.59
C GLY A 286 -15.89 4.69 4.34
N CYS A 287 -14.58 4.88 4.51
CA CYS A 287 -13.77 5.51 3.49
C CYS A 287 -12.48 4.75 3.27
N PRO A 288 -11.84 4.91 2.11
CA PRO A 288 -10.52 4.30 1.91
C PRO A 288 -9.56 4.85 2.95
N ALA A 289 -8.49 4.12 3.20
CA ALA A 289 -7.48 4.59 4.14
C ALA A 289 -7.06 6.03 3.81
N HIS A 290 -6.97 6.86 4.84
CA HIS A 290 -6.51 8.26 4.85
C HIS A 290 -7.55 9.20 4.28
N TYR A 291 -8.70 8.69 3.83
CA TYR A 291 -9.77 9.58 3.45
C TYR A 291 -10.56 9.98 4.70
N SER A 292 -11.35 11.03 4.57
CA SER A 292 -12.19 11.48 5.66
C SER A 292 -13.66 11.45 5.24
N LEU A 293 -14.52 11.16 6.20
CA LEU A 293 -15.94 11.15 5.94
C LEU A 293 -16.47 12.57 6.07
N ASN A 294 -17.15 13.05 5.04
CA ASN A 294 -17.75 14.38 5.02
C ASN A 294 -18.92 14.47 6.00
N ALA A 295 -19.41 15.69 6.20
CA ALA A 295 -20.45 15.95 7.20
C ALA A 295 -21.78 15.31 6.85
N ASP A 296 -22.01 14.96 5.59
CA ASP A 296 -23.21 14.22 5.24
C ASP A 296 -23.19 12.77 5.72
N ASN A 297 -22.10 12.30 6.33
CA ASN A 297 -21.96 10.92 6.82
C ASN A 297 -22.06 9.87 5.69
N ARG A 298 -21.89 10.26 4.43
CA ARG A 298 -22.06 9.33 3.32
C ARG A 298 -20.90 9.40 2.33
N THR A 299 -20.27 10.57 2.20
CA THR A 299 -19.30 10.81 1.15
C THR A 299 -17.93 11.00 1.76
N CYS A 300 -16.92 10.59 1.01
CA CYS A 300 -15.54 10.62 1.46
C CYS A 300 -14.77 11.63 0.64
N SER A 301 -13.77 12.25 1.26
CA SER A 301 -12.87 13.11 0.54
C SER A 301 -11.43 12.68 0.77
N ALA A 302 -10.64 12.72 -0.29
CA ALA A 302 -9.26 12.31 -0.25
C ALA A 302 -8.44 13.22 0.67
N PRO A 303 -7.30 12.73 1.17
CA PRO A 303 -6.45 13.60 1.98
C PRO A 303 -5.85 14.71 1.14
N THR A 304 -5.72 15.89 1.75
CA THR A 304 -5.15 16.99 0.97
C THR A 304 -3.65 17.16 1.17
N THR A 305 -3.13 16.80 2.34
CA THR A 305 -1.70 16.82 2.59
C THR A 305 -1.33 15.49 3.20
N PHE A 306 -0.14 15.01 2.85
CA PHE A 306 0.34 13.68 3.22
C PHE A 306 1.81 13.60 2.85
N LEU A 307 2.43 12.53 3.31
CA LEU A 307 3.81 12.20 3.01
C LEU A 307 3.84 10.95 2.16
N LEU A 308 4.67 10.96 1.13
CA LEU A 308 4.95 9.78 0.35
C LEU A 308 6.38 9.32 0.65
N PHE A 309 6.58 8.02 0.79
CA PHE A 309 7.94 7.50 0.88
C PHE A 309 8.04 6.19 0.15
N SER A 310 9.16 6.01 -0.55
CA SER A 310 9.38 4.88 -1.41
C SER A 310 10.41 3.94 -0.82
N GLN A 311 10.26 2.66 -1.11
CA GLN A 311 11.27 1.65 -0.87
C GLN A 311 11.68 1.12 -2.24
N LYS A 312 12.52 0.09 -2.24
CA LYS A 312 12.95 -0.53 -3.50
C LYS A 312 11.78 -0.95 -4.36
N SER A 313 10.76 -1.59 -3.76
CA SER A 313 9.67 -2.07 -4.60
C SER A 313 8.31 -1.70 -4.02
N ALA A 314 8.20 -0.52 -3.42
CA ALA A 314 6.90 -0.06 -2.92
C ALA A 314 6.92 1.45 -2.78
N ILE A 315 5.76 2.06 -3.01
CA ILE A 315 5.57 3.47 -2.68
C ILE A 315 4.42 3.56 -1.67
N ASN A 316 4.68 4.26 -0.57
CA ASN A 316 3.77 4.30 0.56
C ASN A 316 3.27 5.70 0.80
N ARG A 317 2.12 5.78 1.47
CA ARG A 317 1.60 7.08 1.87
C ARG A 317 1.45 7.09 3.37
N MET A 318 1.74 8.23 3.96
CA MET A 318 1.63 8.48 5.37
C MET A 318 0.88 9.78 5.59
N VAL A 319 -0.01 9.81 6.59
CA VAL A 319 -0.63 11.07 7.00
C VAL A 319 -0.23 11.35 8.44
N ILE A 320 -0.23 12.61 8.81
CA ILE A 320 0.01 13.02 10.21
C ILE A 320 -1.32 13.51 10.75
N ASP A 321 -2.01 12.65 11.51
CA ASP A 321 -3.36 12.94 11.98
C ASP A 321 -3.53 12.43 13.40
N GLU A 322 -4.67 12.77 13.99
CA GLU A 322 -4.91 12.42 15.38
C GLU A 322 -5.12 10.93 15.58
N GLN A 323 -5.73 10.25 14.61
CA GLN A 323 -5.98 8.82 14.73
C GLN A 323 -4.70 8.00 14.66
N GLN A 324 -3.57 8.61 14.33
CA GLN A 324 -2.36 7.87 14.02
C GLN A 324 -2.67 6.76 13.02
N SER A 325 -3.33 7.15 11.93
CA SER A 325 -3.70 6.19 10.91
C SER A 325 -2.45 5.49 10.41
N PRO A 326 -2.52 4.20 10.11
CA PRO A 326 -1.32 3.48 9.67
C PRO A 326 -0.91 3.95 8.29
N ASP A 327 0.37 3.76 7.98
CA ASP A 327 0.76 4.02 6.60
CA ASP A 327 0.84 3.95 6.61
C ASP A 327 0.13 2.95 5.70
N ILE A 328 0.06 3.26 4.41
CA ILE A 328 -0.55 2.33 3.48
C ILE A 328 0.32 2.23 2.23
N ILE A 329 0.42 1.02 1.68
CA ILE A 329 1.08 0.83 0.41
C ILE A 329 0.19 1.38 -0.70
N LEU A 330 0.81 1.98 -1.70
CA LEU A 330 -0.04 2.33 -2.83
C LEU A 330 -0.02 1.16 -3.82
N PRO A 331 -1.14 0.82 -4.45
CA PRO A 331 -1.18 -0.41 -5.29
C PRO A 331 -0.73 -0.17 -6.72
N ILE A 332 0.52 0.22 -6.89
CA ILE A 332 1.08 0.55 -8.19
C ILE A 332 1.79 -0.67 -8.74
N HIS A 333 1.35 -1.11 -9.91
CA HIS A 333 1.91 -2.33 -10.48
C HIS A 333 3.34 -2.13 -10.99
N SER A 334 4.11 -3.22 -10.93
CA SER A 334 5.35 -3.36 -11.69
C SER A 334 6.45 -2.41 -11.20
N LEU A 335 6.60 -2.29 -9.89
CA LEU A 335 7.74 -1.58 -9.32
C LEU A 335 8.86 -2.58 -9.04
N ARG A 336 10.07 -2.24 -9.44
CA ARG A 336 11.18 -3.16 -9.24
C ARG A 336 12.35 -2.55 -8.48
N ASN A 337 12.73 -1.31 -8.80
CA ASN A 337 13.76 -0.60 -8.05
C ASN A 337 13.49 0.90 -8.15
N VAL A 338 12.63 1.38 -7.25
CA VAL A 338 12.29 2.79 -7.18
C VAL A 338 13.42 3.58 -6.55
N ARG A 339 13.89 4.57 -7.29
CA ARG A 339 15.01 5.40 -6.91
C ARG A 339 14.59 6.78 -6.42
N ALA A 340 13.44 7.29 -6.87
CA ALA A 340 13.07 8.67 -6.55
C ALA A 340 11.61 8.87 -6.90
N ILE A 341 10.96 9.81 -6.21
CA ILE A 341 9.53 10.00 -6.39
C ILE A 341 9.18 11.49 -6.37
N ASP A 342 8.06 11.80 -7.01
CA ASP A 342 7.51 13.15 -6.98
C ASP A 342 6.01 13.01 -7.18
N TYR A 343 5.32 14.14 -7.11
CA TYR A 343 3.86 14.10 -7.15
C TYR A 343 3.35 15.40 -7.76
N ASP A 344 2.39 15.28 -8.68
CA ASP A 344 1.76 16.46 -9.26
C ASP A 344 0.45 16.73 -8.53
N PRO A 345 0.35 17.81 -7.74
CA PRO A 345 -0.89 18.03 -6.99
C PRO A 345 -2.03 18.57 -7.85
N LEU A 346 -1.78 18.97 -9.10
CA LEU A 346 -2.86 19.43 -9.97
C LEU A 346 -3.72 18.27 -10.44
N ASP A 347 -3.15 17.36 -11.21
CA ASP A 347 -3.88 16.19 -11.67
C ASP A 347 -3.81 15.03 -10.69
N LYS A 348 -3.19 15.23 -9.53
CA LYS A 348 -3.10 14.20 -8.49
C LYS A 348 -2.55 12.88 -9.03
N GLN A 349 -1.30 12.97 -9.50
CA GLN A 349 -0.64 11.82 -10.06
C GLN A 349 0.76 11.68 -9.48
N LEU A 350 1.11 10.47 -9.12
CA LEU A 350 2.41 10.16 -8.54
C LEU A 350 3.38 9.82 -9.67
N TYR A 351 4.65 10.25 -9.53
CA TYR A 351 5.70 10.05 -10.52
C TYR A 351 6.90 9.40 -9.83
N TRP A 352 7.62 8.55 -10.56
CA TRP A 352 8.76 7.87 -9.95
C TRP A 352 9.75 7.43 -11.02
N ILE A 353 11.00 7.31 -10.60
CA ILE A 353 12.05 6.70 -11.39
C ILE A 353 12.20 5.25 -10.92
N ASP A 354 12.21 4.33 -11.86
CA ASP A 354 12.55 2.93 -11.59
C ASP A 354 13.87 2.63 -12.28
N SER A 355 14.92 2.38 -11.48
CA SER A 355 16.25 2.17 -12.02
C SER A 355 16.48 0.73 -12.50
N ARG A 356 15.53 -0.18 -12.28
CA ARG A 356 15.60 -1.44 -12.99
C ARG A 356 15.13 -1.27 -14.43
N GLN A 357 14.04 -0.52 -14.61
CA GLN A 357 13.56 -0.27 -15.95
C GLN A 357 14.21 0.94 -16.60
N ASN A 358 14.94 1.77 -15.84
CA ASN A 358 15.47 3.04 -16.35
C ASN A 358 14.37 3.84 -17.02
N MET A 359 13.38 4.20 -16.23
CA MET A 359 12.11 4.65 -16.74
C MET A 359 11.61 5.72 -15.77
N ILE A 360 10.90 6.73 -16.26
CA ILE A 360 10.06 7.57 -15.41
C ILE A 360 8.63 7.15 -15.71
N ARG A 361 7.85 6.82 -14.68
CA ARG A 361 6.47 6.41 -14.89
CA ARG A 361 6.47 6.41 -14.89
C ARG A 361 5.56 7.19 -13.95
N LYS A 362 4.26 7.11 -14.22
CA LYS A 362 3.28 7.83 -13.40
C LYS A 362 2.00 7.03 -13.28
N ALA A 363 1.26 7.28 -12.21
CA ALA A 363 -0.06 6.66 -12.02
C ALA A 363 -0.85 7.51 -11.03
N GLN A 364 -2.12 7.20 -10.89
CA GLN A 364 -2.92 7.84 -9.86
C GLN A 364 -2.62 7.07 -8.59
N GLU A 365 -3.00 7.58 -7.45
CA GLU A 365 -2.71 6.95 -6.15
C GLU A 365 -3.42 5.60 -5.98
N ASP A 366 -4.61 5.45 -6.54
CA ASP A 366 -5.28 4.15 -6.53
C ASP A 366 -4.63 3.12 -7.50
N GLY A 367 -3.49 3.48 -8.12
CA GLY A 367 -2.71 2.57 -8.94
C GLY A 367 -3.15 2.43 -10.38
N SER A 368 -4.28 3.04 -10.76
CA SER A 368 -4.72 3.00 -12.15
C SER A 368 -4.08 4.13 -12.96
N GLN A 369 -4.28 4.06 -14.28
CA GLN A 369 -3.67 4.96 -15.27
C GLN A 369 -2.13 4.97 -15.17
N GLY A 370 -1.55 3.79 -14.97
CA GLY A 370 -0.12 3.63 -15.13
C GLY A 370 0.33 4.02 -16.53
N PHE A 371 1.44 4.76 -16.61
CA PHE A 371 1.84 5.35 -17.88
C PHE A 371 3.33 5.63 -17.83
N THR A 372 3.99 5.40 -18.94
CA THR A 372 5.43 5.61 -19.03
C THR A 372 5.73 7.00 -19.59
N VAL A 373 6.45 7.82 -18.83
CA VAL A 373 6.73 9.20 -19.22
C VAL A 373 8.05 9.31 -19.97
N VAL A 374 9.08 8.59 -19.52
CA VAL A 374 10.40 8.59 -20.13
C VAL A 374 10.91 7.15 -20.19
N VAL A 375 11.45 6.75 -21.34
CA VAL A 375 12.01 5.42 -21.53
C VAL A 375 13.07 5.48 -22.63
N SER A 376 13.97 4.49 -22.65
CA SER A 376 14.89 4.30 -23.80
C SER A 376 14.14 4.16 -25.11
N LEU A 383 21.44 5.84 -27.06
CA LEU A 383 20.03 5.67 -26.72
C LEU A 383 19.83 5.18 -25.28
N GLU A 384 20.93 5.02 -24.54
CA GLU A 384 20.90 4.39 -23.22
C GLU A 384 20.70 5.44 -22.13
N ILE A 385 19.52 5.48 -21.52
CA ILE A 385 19.26 6.44 -20.45
C ILE A 385 19.28 5.74 -19.09
N GLN A 386 19.54 6.53 -18.07
CA GLN A 386 19.64 6.01 -16.71
C GLN A 386 19.23 7.17 -15.78
N PRO A 387 17.93 7.50 -15.68
CA PRO A 387 17.53 8.64 -14.86
C PRO A 387 17.88 8.41 -13.38
N TYR A 388 18.30 9.49 -12.72
CA TYR A 388 18.77 9.44 -11.34
C TYR A 388 17.83 10.11 -10.35
N ASP A 389 17.44 11.35 -10.60
CA ASP A 389 16.50 12.08 -9.76
C ASP A 389 15.58 12.89 -10.67
N LEU A 390 14.46 13.36 -10.11
CA LEU A 390 13.46 14.06 -10.89
C LEU A 390 12.81 15.13 -10.01
N SER A 391 12.35 16.23 -10.61
CA SER A 391 11.64 17.25 -9.84
C SER A 391 10.64 17.96 -10.75
N ILE A 392 9.38 17.99 -10.36
CA ILE A 392 8.31 18.50 -11.22
C ILE A 392 8.15 20.00 -11.04
N ASP A 393 8.10 20.73 -12.16
CA ASP A 393 7.61 22.09 -12.20
C ASP A 393 6.10 22.00 -12.39
N ILE A 394 5.34 22.22 -11.33
CA ILE A 394 3.90 22.04 -11.40
C ILE A 394 3.20 23.16 -12.16
N TYR A 395 3.88 24.28 -12.40
CA TYR A 395 3.29 25.42 -13.10
C TYR A 395 3.45 25.31 -14.62
N SER A 396 4.67 25.07 -15.08
CA SER A 396 4.83 24.82 -16.50
C SER A 396 4.47 23.39 -16.89
N ARG A 397 4.26 22.49 -15.92
CA ARG A 397 3.88 21.09 -16.18
C ARG A 397 5.02 20.31 -16.85
N TYR A 398 6.22 20.42 -16.28
CA TYR A 398 7.41 19.72 -16.76
C TYR A 398 8.07 18.96 -15.63
N ILE A 399 8.72 17.85 -16.01
CA ILE A 399 9.59 17.09 -15.14
C ILE A 399 11.03 17.45 -15.48
N TYR A 400 11.77 17.98 -14.52
CA TYR A 400 13.22 18.13 -14.66
C TYR A 400 13.85 16.85 -14.11
N TRP A 401 14.81 16.27 -14.83
CA TRP A 401 15.39 15.03 -14.34
C TRP A 401 16.82 14.85 -14.80
N THR A 402 17.62 14.20 -13.96
CA THR A 402 19.05 14.05 -14.23
C THR A 402 19.33 12.69 -14.79
N GLU A 404 22.10 9.83 -15.40
CA GLU A 404 23.39 9.32 -14.91
C GLU A 404 24.30 8.77 -16.03
N ALA A 405 23.69 8.32 -17.11
CA ALA A 405 24.49 7.73 -18.19
C ALA A 405 25.11 8.81 -19.07
N THR A 406 24.32 9.82 -19.46
CA THR A 406 24.80 10.91 -20.32
C THR A 406 25.11 12.19 -19.56
N ASN A 407 24.74 12.30 -18.29
CA ASN A 407 25.14 13.40 -17.43
C ASN A 407 24.55 14.73 -17.88
N VAL A 408 23.24 14.74 -18.10
CA VAL A 408 22.52 15.93 -18.50
C VAL A 408 21.38 16.15 -17.52
N ILE A 409 20.85 17.36 -17.54
CA ILE A 409 19.53 17.66 -17.03
C ILE A 409 18.60 17.72 -18.23
N ASN A 410 17.58 16.87 -18.24
CA ASN A 410 16.62 16.79 -19.33
C ASN A 410 15.26 17.20 -18.79
N VAL A 411 14.41 17.71 -19.68
CA VAL A 411 13.11 18.26 -19.30
C VAL A 411 12.05 17.66 -20.20
N THR A 412 10.96 17.17 -19.58
CA THR A 412 9.91 16.43 -20.27
C THR A 412 8.53 16.86 -19.79
N ARG A 413 7.59 17.00 -20.74
CA ARG A 413 6.21 17.30 -20.38
C ARG A 413 5.58 16.09 -19.70
N LEU A 414 4.55 16.38 -18.89
CA LEU A 414 3.88 15.35 -18.12
C LEU A 414 3.30 14.26 -18.99
N ASP A 415 2.96 14.57 -20.22
CA ASP A 415 2.42 13.59 -21.16
C ASP A 415 3.49 12.84 -21.95
N GLY A 416 4.77 13.10 -21.68
CA GLY A 416 5.84 12.34 -22.27
C GLY A 416 6.55 13.02 -23.42
N ARG A 417 5.98 14.10 -23.98
CA ARG A 417 6.66 14.84 -25.04
C ARG A 417 7.90 15.53 -24.49
N SER A 418 9.02 15.39 -25.20
CA SER A 418 10.27 15.91 -24.69
C SER A 418 10.31 17.43 -24.85
N VAL A 419 10.81 18.13 -23.84
CA VAL A 419 11.16 19.53 -24.00
C VAL A 419 12.61 19.66 -24.45
N GLY A 420 13.54 19.08 -23.71
CA GLY A 420 14.95 19.11 -24.09
C GLY A 420 15.93 19.21 -22.94
N VAL A 421 17.23 19.20 -23.22
CA VAL A 421 18.20 19.33 -22.14
C VAL A 421 18.51 20.80 -21.91
N VAL A 422 18.71 21.14 -20.64
CA VAL A 422 19.05 22.51 -20.25
C VAL A 422 20.40 22.59 -19.58
N LEU A 423 21.07 21.47 -19.34
CA LEU A 423 22.40 21.45 -18.73
C LEU A 423 23.20 20.28 -19.26
N LYS A 424 24.44 20.56 -19.64
CA LYS A 424 25.36 19.57 -20.13
C LYS A 424 26.76 20.19 -20.07
N GLY A 425 27.71 19.43 -19.56
CA GLY A 425 29.10 19.83 -19.58
C GLY A 425 29.90 18.55 -19.50
N GLU A 426 31.07 18.54 -20.14
N GLU A 426 31.08 18.55 -20.11
CA GLU A 426 31.84 17.31 -20.24
CA GLU A 426 31.84 17.31 -20.25
C GLU A 426 32.19 16.76 -18.86
C GLU A 426 32.25 16.76 -18.89
N GLN A 427 32.54 17.63 -17.93
CA GLN A 427 32.93 17.21 -16.61
C GLN A 427 31.78 17.25 -15.61
N ASP A 428 30.56 17.59 -16.03
CA ASP A 428 29.44 17.67 -15.10
C ASP A 428 28.87 16.30 -14.79
N ARG A 429 28.46 16.10 -13.54
CA ARG A 429 27.79 14.89 -13.08
C ARG A 429 26.58 15.29 -12.25
N PRO A 430 25.52 15.77 -12.90
CA PRO A 430 24.36 16.25 -12.14
C PRO A 430 23.60 15.07 -11.58
N ARG A 431 23.32 15.11 -10.27
CA ARG A 431 22.61 13.98 -9.66
C ARG A 431 21.31 14.35 -8.98
N ALA A 432 21.34 14.93 -7.78
CA ALA A 432 20.11 15.33 -7.11
C ALA A 432 19.64 16.65 -7.72
N ILE A 433 18.33 16.84 -7.84
CA ILE A 433 17.80 18.05 -8.46
C ILE A 433 16.52 18.46 -7.74
N VAL A 434 16.31 19.76 -7.56
CA VAL A 434 15.00 20.24 -7.13
C VAL A 434 14.75 21.60 -7.76
N VAL A 435 13.50 21.84 -8.25
CA VAL A 435 13.19 23.08 -8.97
C VAL A 435 12.44 24.05 -8.04
N ASN A 436 12.61 25.35 -8.30
CA ASN A 436 11.91 26.42 -7.59
C ASN A 436 11.28 27.37 -8.61
N PRO A 437 10.21 26.94 -9.28
CA PRO A 437 9.59 27.77 -10.34
C PRO A 437 9.01 29.07 -9.83
N GLU A 438 8.70 29.16 -8.53
CA GLU A 438 8.24 30.41 -7.97
C GLU A 438 9.28 31.50 -8.19
N LYS A 439 10.57 31.15 -8.15
CA LYS A 439 11.65 32.10 -8.40
C LYS A 439 12.35 31.92 -9.74
N GLY A 440 11.94 30.93 -10.55
CA GLY A 440 12.64 30.71 -11.81
C GLY A 440 13.93 29.93 -11.73
N TYR A 441 14.21 29.20 -10.65
CA TYR A 441 15.51 28.56 -10.45
C TYR A 441 15.38 27.05 -10.28
N MET A 442 16.52 26.40 -10.45
CA MET A 442 16.70 24.96 -10.32
C MET A 442 17.98 24.75 -9.53
N TYR A 443 17.98 23.77 -8.61
CA TYR A 443 19.14 23.48 -7.76
C TYR A 443 19.58 22.05 -7.99
N PHE A 444 20.88 21.81 -8.03
CA PHE A 444 21.31 20.43 -8.25
C PHE A 444 22.66 20.17 -7.60
N THR A 445 22.91 18.90 -7.23
CA THR A 445 24.24 18.48 -6.83
C THR A 445 24.99 18.03 -8.07
N ASN A 446 26.32 18.21 -8.02
CA ASN A 446 27.22 17.99 -9.15
C ASN A 446 28.36 17.16 -8.60
N LEU A 447 28.33 15.84 -8.82
CA LEU A 447 29.28 14.96 -8.16
C LEU A 447 30.55 14.79 -9.02
N GLN A 448 31.22 15.90 -9.27
CA GLN A 448 32.47 15.85 -10.05
C GLN A 448 33.55 15.13 -9.27
N GLU A 449 34.41 14.40 -9.99
CA GLU A 449 35.45 13.63 -9.35
C GLU A 449 36.33 14.55 -8.52
N ARG A 450 36.54 14.17 -7.27
CA ARG A 450 37.32 14.94 -6.32
C ARG A 450 36.77 16.37 -6.12
N SER A 451 35.54 16.65 -6.55
CA SER A 451 35.05 18.01 -6.44
C SER A 451 33.52 18.10 -6.41
N PRO A 452 32.85 17.50 -5.43
CA PRO A 452 31.39 17.63 -5.37
C PRO A 452 30.95 19.07 -5.13
N LYS A 453 29.84 19.45 -5.76
CA LYS A 453 29.32 20.81 -5.67
C LYS A 453 27.80 20.79 -5.53
N ILE A 454 27.27 21.85 -4.94
CA ILE A 454 25.86 22.19 -5.02
C ILE A 454 25.76 23.44 -5.88
N GLU A 455 24.91 23.40 -6.90
CA GLU A 455 24.83 24.52 -7.85
C GLU A 455 23.39 24.94 -8.04
N ARG A 456 23.21 26.12 -8.61
CA ARG A 456 21.91 26.63 -8.97
C ARG A 456 22.00 27.20 -10.37
N ALA A 457 20.86 27.24 -11.08
CA ALA A 457 20.76 27.86 -12.39
C ALA A 457 19.31 28.25 -12.63
N ALA A 458 19.10 29.16 -13.60
CA ALA A 458 17.74 29.38 -14.09
C ALA A 458 17.18 28.11 -14.73
N LEU A 459 15.85 28.07 -14.88
CA LEU A 459 15.21 26.84 -15.35
C LEU A 459 15.51 26.53 -16.81
N ASP A 460 16.13 27.44 -17.55
CA ASP A 460 16.62 27.13 -18.89
C ASP A 460 18.10 26.81 -18.88
N GLY A 461 18.72 26.68 -17.70
CA GLY A 461 20.14 26.40 -17.61
C GLY A 461 21.04 27.62 -17.58
N THR A 462 20.53 28.83 -17.85
CA THR A 462 21.36 30.03 -17.75
C THR A 462 21.57 30.42 -16.28
N GLU A 463 22.39 31.46 -16.08
CA GLU A 463 22.66 31.99 -14.74
C GLU A 463 23.19 30.89 -13.83
N ARG A 464 24.03 30.01 -14.37
CA ARG A 464 24.60 28.92 -13.60
C ARG A 464 25.65 29.40 -12.61
N GLU A 465 25.56 28.98 -11.35
CA GLU A 465 26.58 29.36 -10.39
C GLU A 465 26.74 28.28 -9.34
N VAL A 466 27.98 28.07 -8.91
CA VAL A 466 28.27 27.20 -7.78
C VAL A 466 27.90 27.89 -6.47
N LEU A 467 27.07 27.23 -5.66
CA LEU A 467 26.79 27.77 -4.33
C LEU A 467 27.78 27.25 -3.30
N PHE A 468 28.04 25.95 -3.30
CA PHE A 468 28.89 25.32 -2.32
C PHE A 468 29.84 24.35 -2.98
N PHE A 469 31.10 24.35 -2.51
CA PHE A 469 32.10 23.39 -2.95
C PHE A 469 32.93 22.81 -1.83
N SER A 470 32.91 23.38 -0.63
CA SER A 470 33.65 22.79 0.47
C SER A 470 32.70 22.06 1.43
N GLY A 471 33.28 21.18 2.24
CA GLY A 471 32.50 20.49 3.25
C GLY A 471 31.49 19.55 2.68
N LEU A 472 31.78 18.97 1.51
CA LEU A 472 30.91 18.06 0.81
C LEU A 472 31.74 16.84 0.43
N SER A 473 31.20 15.66 0.70
CA SER A 473 31.74 14.43 0.16
C SER A 473 30.80 13.75 -0.80
N LYS A 474 29.56 13.48 -0.41
CA LYS A 474 28.58 12.95 -1.35
C LYS A 474 27.22 13.56 -1.04
N PRO A 475 26.99 14.80 -1.48
CA PRO A 475 25.66 15.40 -1.28
C PRO A 475 24.65 14.71 -2.16
N ILE A 476 23.82 13.85 -1.61
CA ILE A 476 23.06 12.91 -2.44
C ILE A 476 21.57 13.28 -2.61
N ALA A 477 21.04 14.15 -1.76
CA ALA A 477 19.62 14.49 -1.83
C ALA A 477 19.46 15.97 -1.51
N LEU A 478 18.43 16.57 -2.11
CA LEU A 478 18.16 17.99 -2.01
C LEU A 478 16.69 18.18 -1.69
N ALA A 479 16.39 19.23 -0.94
CA ALA A 479 15.01 19.64 -0.78
C ALA A 479 14.99 21.16 -0.70
N LEU A 480 13.81 21.71 -0.82
CA LEU A 480 13.73 23.14 -0.64
C LEU A 480 12.32 23.51 -0.25
N ASP A 481 12.19 24.70 0.30
CA ASP A 481 10.87 25.18 0.66
C ASP A 481 10.82 26.67 0.38
N SER A 482 9.85 27.06 -0.45
CA SER A 482 9.67 28.47 -0.78
C SER A 482 9.24 29.28 0.43
N ARG A 483 8.36 28.73 1.27
CA ARG A 483 7.87 29.48 2.43
C ARG A 483 9.02 29.82 3.37
N LEU A 484 9.82 28.82 3.73
CA LEU A 484 10.99 29.09 4.56
C LEU A 484 12.11 29.80 3.79
N GLY A 485 12.08 29.79 2.47
CA GLY A 485 13.19 30.32 1.69
C GLY A 485 14.50 29.58 1.87
N LYS A 486 14.46 28.25 1.99
CA LYS A 486 15.67 27.52 2.35
C LYS A 486 15.93 26.37 1.39
N LEU A 487 17.22 26.06 1.28
CA LEU A 487 17.72 24.89 0.58
C LEU A 487 18.25 23.88 1.61
N PHE A 488 17.99 22.59 1.39
CA PHE A 488 18.41 21.54 2.30
C PHE A 488 19.10 20.45 1.51
N TRP A 489 20.12 19.83 2.11
CA TRP A 489 20.77 18.66 1.49
C TRP A 489 21.26 17.68 2.55
N ALA A 490 21.39 16.42 2.12
CA ALA A 490 22.00 15.38 2.92
C ALA A 490 23.27 14.92 2.24
N ASP A 491 24.31 14.67 3.04
CA ASP A 491 25.57 14.15 2.55
C ASP A 491 25.72 12.76 3.14
N SER A 492 25.61 11.74 2.29
CA SER A 492 25.64 10.40 2.85
C SER A 492 27.03 10.00 3.30
N ASP A 493 28.08 10.63 2.78
CA ASP A 493 29.42 10.31 3.25
C ASP A 493 29.74 11.03 4.55
N LEU A 494 29.49 12.33 4.62
CA LEU A 494 29.69 13.04 5.87
C LEU A 494 28.59 12.76 6.88
N ARG A 495 27.54 12.04 6.47
CA ARG A 495 26.48 11.64 7.37
C ARG A 495 25.88 12.84 8.11
N ARG A 496 25.43 13.82 7.34
CA ARG A 496 24.89 15.00 8.01
C ARG A 496 23.90 15.70 7.09
N ILE A 497 23.09 16.55 7.70
CA ILE A 497 22.09 17.34 6.98
C ILE A 497 22.40 18.81 7.20
N GLU A 498 22.36 19.59 6.12
CA GLU A 498 22.70 21.00 6.12
C GLU A 498 21.57 21.77 5.47
N SER A 499 21.56 23.08 5.70
CA SER A 499 20.69 24.00 4.99
C SER A 499 21.39 25.32 4.74
N SER A 500 20.81 26.10 3.83
CA SER A 500 21.23 27.45 3.59
C SER A 500 20.03 28.24 3.07
N ASP A 501 20.20 29.55 3.00
CA ASP A 501 19.27 30.36 2.22
C ASP A 501 19.32 29.95 0.75
N LEU A 502 18.22 30.22 0.04
CA LEU A 502 18.17 29.92 -1.38
C LEU A 502 19.23 30.68 -2.15
N SER A 503 19.64 31.85 -1.66
CA SER A 503 20.75 32.59 -2.25
C SER A 503 22.12 31.94 -2.00
N GLY A 504 22.22 30.98 -1.09
CA GLY A 504 23.50 30.41 -0.72
C GLY A 504 24.11 30.97 0.54
N ALA A 505 23.50 31.97 1.15
CA ALA A 505 24.01 32.54 2.40
C ALA A 505 23.54 31.70 3.58
N ASN A 506 24.20 31.91 4.72
CA ASN A 506 23.79 31.35 6.02
C ASN A 506 23.77 29.82 6.03
N ARG A 507 24.81 29.23 5.48
CA ARG A 507 24.95 27.79 5.51
C ARG A 507 25.18 27.30 6.93
N ILE A 508 24.47 26.23 7.30
CA ILE A 508 24.59 25.71 8.65
C ILE A 508 24.32 24.20 8.61
N VAL A 509 25.05 23.46 9.44
CA VAL A 509 24.77 22.04 9.64
C VAL A 509 23.57 21.91 10.56
N LEU A 510 22.55 21.18 10.14
CA LEU A 510 21.41 20.99 11.03
C LEU A 510 21.56 19.80 11.98
N GLU A 511 21.98 18.64 11.46
CA GLU A 511 22.16 17.47 12.31
C GLU A 511 23.32 16.66 11.75
N ASP A 512 24.18 16.13 12.64
CA ASP A 512 25.25 15.23 12.21
C ASP A 512 25.47 14.07 13.18
N SER A 513 24.51 13.77 14.05
CA SER A 513 24.66 12.73 15.05
C SER A 513 23.58 11.67 14.87
N ASN A 514 23.97 10.41 15.10
CA ASN A 514 23.03 9.29 14.98
C ASN A 514 22.42 9.25 13.59
N ILE A 515 23.24 9.53 12.59
CA ILE A 515 22.85 9.42 11.20
C ILE A 515 23.87 8.53 10.50
N LEU A 516 23.38 7.45 9.88
CA LEU A 516 24.26 6.50 9.20
C LEU A 516 24.26 6.69 7.69
N GLN A 517 23.10 6.79 7.07
CA GLN A 517 23.03 6.88 5.61
C GLN A 517 21.80 7.65 5.18
N PRO A 518 21.83 8.98 5.31
CA PRO A 518 20.67 9.77 4.86
C PRO A 518 20.67 9.83 3.34
N VAL A 519 19.54 9.47 2.71
CA VAL A 519 19.48 9.39 1.26
C VAL A 519 18.31 10.15 0.66
N GLY A 520 17.47 10.80 1.47
CA GLY A 520 16.39 11.60 0.94
C GLY A 520 15.87 12.50 2.03
N LEU A 521 15.23 13.59 1.61
CA LEU A 521 14.69 14.52 2.59
C LEU A 521 13.60 15.36 1.94
N THR A 522 12.71 15.91 2.77
CA THR A 522 11.62 16.70 2.22
C THR A 522 11.11 17.60 3.33
N VAL A 523 10.41 18.67 2.94
CA VAL A 523 9.89 19.66 3.87
C VAL A 523 8.37 19.55 3.89
N PHE A 524 7.82 19.50 5.10
CA PHE A 524 6.38 19.43 5.32
C PHE A 524 6.12 20.52 6.35
N GLU A 525 5.50 21.60 5.92
CA GLU A 525 5.28 22.73 6.80
C GLU A 525 6.58 23.19 7.44
N ASN A 526 6.64 23.12 8.75
CA ASN A 526 7.84 23.57 9.44
C ASN A 526 8.81 22.43 9.73
N TRP A 527 8.53 21.21 9.26
CA TRP A 527 9.36 20.05 9.55
C TRP A 527 10.21 19.65 8.36
N LEU A 528 11.46 19.29 8.63
CA LEU A 528 12.30 18.64 7.64
C LEU A 528 12.32 17.14 7.95
N TYR A 529 11.79 16.33 7.03
CA TYR A 529 11.83 14.87 7.17
C TYR A 529 13.03 14.34 6.42
N TRP A 530 13.61 13.25 6.91
CA TRP A 530 14.60 12.55 6.09
C TRP A 530 14.53 11.04 6.35
N ILE A 531 15.15 10.29 5.45
CA ILE A 531 15.20 8.83 5.52
C ILE A 531 16.64 8.41 5.68
N ASP A 532 16.86 7.51 6.61
CA ASP A 532 18.16 6.92 6.90
C ASP A 532 18.06 5.48 6.46
N LYS A 533 18.67 5.17 5.31
CA LYS A 533 18.57 3.85 4.72
C LYS A 533 19.15 2.78 5.61
N GLN A 534 20.40 2.97 6.03
CA GLN A 534 21.07 1.96 6.85
C GLN A 534 20.37 1.81 8.18
N GLN A 535 19.86 2.90 8.74
CA GLN A 535 19.20 2.80 10.03
C GLN A 535 17.73 2.43 9.91
N GLN A 536 17.22 2.36 8.67
CA GLN A 536 15.85 1.89 8.41
C GLN A 536 14.83 2.75 9.13
N MET A 537 15.04 4.06 9.09
CA MET A 537 14.23 5.01 9.83
C MET A 537 13.86 6.21 9.00
N ILE A 538 12.69 6.76 9.32
CA ILE A 538 12.30 8.11 8.92
C ILE A 538 12.38 9.00 10.15
N GLU A 539 13.03 10.16 10.02
CA GLU A 539 13.19 11.12 11.10
C GLU A 539 12.74 12.50 10.64
N LYS A 540 12.40 13.38 11.59
CA LYS A 540 12.04 14.75 11.25
C LYS A 540 12.61 15.70 12.30
N ILE A 541 12.85 16.96 11.90
CA ILE A 541 13.23 18.01 12.84
C ILE A 541 12.40 19.25 12.58
N ASP A 542 12.28 20.07 13.61
CA ASP A 542 11.45 21.27 13.60
C ASP A 542 12.33 22.46 13.20
N MET A 543 12.11 23.02 12.00
CA MET A 543 12.84 24.19 11.52
C MET A 543 12.60 25.44 12.37
N THR A 544 11.56 25.48 13.20
CA THR A 544 11.44 26.59 14.13
C THR A 544 12.28 26.36 15.37
N GLY A 545 12.87 25.18 15.51
CA GLY A 545 13.72 24.90 16.63
C GLY A 545 13.00 24.60 17.91
N ARG A 546 11.67 24.52 17.91
CA ARG A 546 10.96 24.45 19.19
C ARG A 546 10.71 23.03 19.70
N GLU A 547 10.37 22.07 18.83
CA GLU A 547 10.10 20.71 19.28
C GLU A 547 11.20 19.71 18.92
N GLY A 548 12.23 20.13 18.21
CA GLY A 548 13.40 19.28 18.08
C GLY A 548 13.29 18.18 17.04
N ARG A 549 13.67 16.95 17.42
CA ARG A 549 13.91 15.85 16.48
C ARG A 549 13.16 14.60 16.91
N THR A 550 12.44 13.99 15.98
CA THR A 550 11.54 12.88 16.28
C THR A 550 11.73 11.72 15.33
N LYS A 551 11.61 10.50 15.86
CA LYS A 551 11.67 9.32 15.03
C LYS A 551 10.25 9.06 14.54
N VAL A 552 10.06 9.10 13.23
CA VAL A 552 8.72 8.96 12.66
C VAL A 552 8.32 7.50 12.53
N GLN A 553 9.22 6.69 11.98
CA GLN A 553 8.94 5.27 11.81
C GLN A 553 10.27 4.56 11.67
N ALA A 554 10.37 3.40 12.31
CA ALA A 554 11.60 2.60 12.30
C ALA A 554 11.32 1.27 11.63
N ARG A 555 12.38 0.47 11.50
CA ARG A 555 12.28 -0.85 10.87
C ARG A 555 11.60 -0.80 9.50
N ILE A 556 11.96 0.20 8.68
CA ILE A 556 11.53 0.25 7.30
C ILE A 556 12.74 -0.05 6.44
N ALA A 557 12.73 -1.20 5.78
CA ALA A 557 13.86 -1.69 4.99
C ALA A 557 13.84 -1.09 3.59
N GLN A 558 15.03 -0.97 2.99
CA GLN A 558 15.18 -0.55 1.60
C GLN A 558 14.55 0.82 1.29
N LEU A 559 14.62 1.77 2.23
CA LEU A 559 14.17 3.15 2.00
C LEU A 559 14.91 3.79 0.81
N SER A 560 14.17 4.45 -0.12
CA SER A 560 14.83 5.11 -1.25
C SER A 560 14.53 6.60 -1.37
N ASP A 561 13.31 7.07 -1.09
CA ASP A 561 13.00 8.49 -1.20
C ASP A 561 11.81 8.81 -0.32
N ILE A 562 11.59 10.12 -0.12
CA ILE A 562 10.52 10.65 0.72
C ILE A 562 10.11 12.00 0.13
N HIS A 563 8.82 12.29 0.13
CA HIS A 563 8.33 13.46 -0.58
C HIS A 563 7.02 13.92 0.04
N ALA A 564 6.97 15.16 0.51
CA ALA A 564 5.79 15.67 1.19
C ALA A 564 4.90 16.40 0.19
N VAL A 565 3.59 16.32 0.40
CA VAL A 565 2.62 16.97 -0.46
C VAL A 565 1.76 17.87 0.41
N LYS A 566 1.84 19.17 0.20
CA LYS A 566 0.93 20.10 0.85
C LYS A 566 -0.25 20.37 -0.09
N GLU A 567 -1.39 20.70 0.50
CA GLU A 567 -2.57 20.91 -0.34
C GLU A 567 -2.35 22.09 -1.27
N LEU A 568 -2.73 21.91 -2.53
CA LEU A 568 -2.55 22.96 -3.52
C LEU A 568 -3.49 24.12 -3.26
N ASN A 569 -2.94 25.33 -3.15
CA ASN A 569 -3.78 26.51 -3.07
C ASN A 569 -4.15 26.90 -4.49
N LEU A 570 -5.34 26.49 -4.94
CA LEU A 570 -5.68 26.61 -6.35
C LEU A 570 -5.76 28.08 -6.78
N GLN A 571 -6.23 28.94 -5.93
CA GLN A 571 -6.32 30.34 -6.27
C GLN A 571 -4.92 30.88 -6.40
N GLU A 572 -4.07 30.54 -5.45
CA GLU A 572 -2.69 31.00 -5.53
C GLU A 572 -1.96 30.37 -6.71
N TYR A 573 -2.24 29.10 -7.00
CA TYR A 573 -1.57 28.42 -8.11
C TYR A 573 -1.76 29.18 -9.42
N ARG A 574 -3.01 29.58 -9.70
CA ARG A 574 -3.34 30.19 -10.98
C ARG A 574 -2.86 31.61 -11.10
N GLN A 575 -2.31 32.17 -10.03
CA GLN A 575 -1.66 33.48 -10.06
C GLN A 575 -0.22 33.42 -10.55
N HIS A 576 0.39 32.24 -10.62
N HIS A 576 0.39 32.25 -10.64
CA HIS A 576 1.71 32.11 -11.22
CA HIS A 576 1.72 32.15 -11.19
C HIS A 576 1.61 32.39 -12.72
C HIS A 576 1.66 32.34 -12.71
N PRO A 577 2.45 33.26 -13.28
CA PRO A 577 2.31 33.56 -14.71
C PRO A 577 2.51 32.35 -15.61
N CYS A 578 3.40 31.44 -15.26
CA CYS A 578 3.63 30.29 -16.12
C CYS A 578 2.54 29.23 -16.00
N ALA A 579 1.60 29.38 -15.07
CA ALA A 579 0.53 28.40 -14.96
C ALA A 579 -0.58 28.64 -15.97
N GLN A 580 -0.64 29.80 -16.58
CA GLN A 580 -1.66 30.09 -17.57
C GLN A 580 -1.02 29.96 -18.96
N ASP A 581 -1.27 28.83 -19.61
CA ASP A 581 -0.79 28.59 -20.97
C ASP A 581 0.73 28.70 -21.07
N ASN A 582 1.42 28.41 -19.99
CA ASN A 582 2.88 28.46 -19.95
C ASN A 582 3.41 29.84 -20.35
N GLY A 583 2.67 30.90 -20.03
CA GLY A 583 3.06 32.23 -20.45
C GLY A 583 3.02 32.47 -21.93
N GLY A 584 2.36 31.58 -22.68
CA GLY A 584 2.43 31.62 -24.12
C GLY A 584 3.68 31.02 -24.71
N CYS A 585 4.60 30.53 -23.87
CA CYS A 585 5.88 29.99 -24.33
C CYS A 585 5.71 28.56 -24.81
N SER A 586 6.30 28.26 -25.98
CA SER A 586 6.25 26.91 -26.51
C SER A 586 7.02 25.94 -25.62
N HIS A 587 8.16 26.37 -25.09
CA HIS A 587 8.95 25.45 -24.27
C HIS A 587 9.11 25.89 -22.82
N ILE A 588 9.96 26.86 -22.51
CA ILE A 588 10.29 27.15 -21.12
C ILE A 588 9.81 28.55 -20.79
N CYS A 589 9.08 28.68 -19.70
CA CYS A 589 8.59 29.95 -19.21
C CYS A 589 9.39 30.32 -17.96
N LEU A 590 10.03 31.49 -17.96
CA LEU A 590 10.86 31.92 -16.83
C LEU A 590 10.20 33.05 -16.06
N VAL A 591 10.05 32.84 -14.75
CA VAL A 591 9.74 33.94 -13.85
C VAL A 591 10.94 34.88 -13.80
N LYS A 592 10.73 36.14 -14.18
CA LYS A 592 11.83 37.09 -14.24
C LYS A 592 12.26 37.54 -12.84
N GLY A 593 11.28 37.83 -11.98
CA GLY A 593 11.49 38.63 -10.79
C GLY A 593 10.93 40.02 -10.91
N ASP A 594 10.61 40.46 -12.13
CA ASP A 594 9.88 41.68 -12.38
C ASP A 594 8.38 41.50 -12.21
N GLY A 595 7.95 40.31 -11.79
CA GLY A 595 6.57 39.90 -11.94
C GLY A 595 6.20 39.47 -13.33
N THR A 596 7.14 39.56 -14.28
CA THR A 596 6.90 39.26 -15.69
C THR A 596 7.63 37.97 -16.07
N THR A 597 7.28 37.46 -17.24
CA THR A 597 7.82 36.20 -17.72
C THR A 597 8.43 36.41 -19.09
N ARG A 598 9.50 35.69 -19.34
CA ARG A 598 10.11 35.66 -20.65
C ARG A 598 10.20 34.19 -21.04
N CYS A 599 10.23 33.93 -22.35
CA CYS A 599 10.32 32.56 -22.84
C CYS A 599 11.76 32.20 -23.15
N SER A 600 12.03 30.90 -23.13
CA SER A 600 13.35 30.37 -23.38
C SER A 600 13.23 28.95 -23.91
N CYS A 601 14.38 28.36 -24.23
CA CYS A 601 14.44 27.12 -25.00
C CYS A 601 15.42 26.13 -24.41
N PRO A 602 15.28 24.85 -24.76
CA PRO A 602 16.34 23.88 -24.49
C PRO A 602 17.56 24.19 -25.34
N MET A 603 18.69 23.55 -25.00
CA MET A 603 19.97 23.91 -25.58
C MET A 603 20.04 23.61 -27.08
N HIS A 604 19.17 22.75 -27.60
CA HIS A 604 19.16 22.42 -29.02
C HIS A 604 18.21 23.27 -29.87
N LEU A 605 17.57 24.29 -29.30
CA LEU A 605 16.63 25.12 -30.03
C LEU A 605 16.93 26.60 -29.76
N VAL A 606 16.38 27.48 -30.59
CA VAL A 606 16.60 28.92 -30.47
C VAL A 606 15.26 29.62 -30.37
N LEU A 607 15.20 30.67 -29.54
CA LEU A 607 13.98 31.46 -29.42
C LEU A 607 13.71 32.21 -30.71
N LEU A 608 12.48 32.14 -31.20
CA LEU A 608 12.14 32.75 -32.48
C LEU A 608 11.67 34.21 -32.30
N GLN A 609 11.32 34.83 -33.43
CA GLN A 609 11.06 36.27 -33.45
C GLN A 609 9.87 36.66 -32.58
N ASP A 610 8.88 35.77 -32.42
CA ASP A 610 7.75 36.18 -31.61
C ASP A 610 8.14 36.27 -30.15
N GLU A 611 9.32 35.76 -29.80
CA GLU A 611 9.80 35.69 -28.43
C GLU A 611 8.94 34.78 -27.57
N LEU A 612 8.24 33.83 -28.21
CA LEU A 612 7.41 32.85 -27.51
C LEU A 612 7.74 31.43 -27.95
N SER A 613 8.12 31.29 -29.20
CA SER A 613 8.30 30.02 -29.87
C SER A 613 9.78 29.67 -29.98
N CYS A 614 10.11 28.41 -29.77
CA CYS A 614 11.45 27.90 -30.00
C CYS A 614 11.49 27.16 -31.32
N GLY A 615 12.58 27.31 -32.06
CA GLY A 615 12.72 26.67 -33.35
C GLY A 615 14.10 26.08 -33.51
N GLU A 616 14.23 25.28 -34.56
CA GLU A 616 15.50 24.62 -34.86
C GLU A 616 16.51 25.67 -35.32
N PRO A 617 17.76 25.57 -34.90
CA PRO A 617 18.74 26.58 -35.26
C PRO A 617 19.00 26.60 -36.75
N PRO A 618 19.36 27.74 -37.32
CA PRO A 618 19.67 27.90 -38.74
C PRO A 618 20.69 26.88 -39.27
N GLY B 1 5.57 -22.84 -3.14
CA GLY B 1 4.72 -23.08 -1.99
C GLY B 1 5.49 -23.24 -0.69
N CYS B 2 4.83 -23.69 0.36
CA CYS B 2 5.49 -23.93 1.65
C CYS B 2 5.94 -22.75 2.49
N ARG B 3 5.51 -21.55 2.14
CA ARG B 3 5.84 -20.39 2.97
C ARG B 3 5.24 -20.45 4.36
N TRP B 4 4.01 -20.92 4.45
CA TRP B 4 3.35 -21.02 5.74
C TRP B 4 4.09 -21.97 6.67
N PHE B 5 4.53 -23.11 6.15
CA PHE B 5 5.29 -24.06 6.95
C PHE B 5 6.61 -23.46 7.40
N MET B 6 7.25 -22.72 6.53
CA MET B 6 8.51 -22.09 6.89
C MET B 6 8.37 -21.11 8.05
N LYS B 7 7.29 -20.36 8.10
CA LYS B 7 7.05 -19.53 9.27
C LYS B 7 6.61 -20.26 10.53
N TRP B 8 5.68 -21.18 10.38
CA TRP B 8 5.10 -21.80 11.55
C TRP B 8 5.55 -23.24 11.88
N PHE B 9 6.33 -23.86 11.00
CA PHE B 9 6.82 -25.23 11.28
C PHE B 9 8.34 -25.30 11.41
N PRO B 25 9.60 -31.73 8.30
CA PRO B 25 8.63 -31.00 7.48
C PRO B 25 8.02 -31.89 6.38
N PRO B 26 6.91 -31.42 5.71
CA PRO B 26 6.38 -32.25 4.61
C PRO B 26 7.21 -32.30 3.34
N HIS B 27 7.00 -33.35 2.56
CA HIS B 27 7.70 -33.49 1.29
C HIS B 27 7.05 -32.58 0.29
N TRP B 28 7.66 -32.39 -0.86
CA TRP B 28 7.15 -31.44 -1.88
C TRP B 28 7.32 -30.03 -1.39
N CYS B 29 8.06 -29.88 -0.30
CA CYS B 29 8.34 -28.57 0.22
C CYS B 29 9.84 -28.44 0.14
N GLY B 30 10.34 -27.47 -0.61
CA GLY B 30 11.78 -27.32 -0.78
C GLY B 30 12.40 -28.49 -1.52
#